data_8FB8
#
_entry.id   8FB8
#
_cell.length_a   58.385
_cell.length_b   47.721
_cell.length_c   85.012
_cell.angle_alpha   90.000
_cell.angle_beta   101.200
_cell.angle_gamma   90.000
#
_symmetry.space_group_name_H-M   'P 1 21 1'
#
loop_
_entity.id
_entity.type
_entity.pdbx_description
1 polymer 'Ky15.10-YK Antibody, heavy chain'
2 polymer 'Ky15.10-YK Antibody, light chain'
3 polymer 'Circumsporozoite protein KQPA peptide'
4 non-polymer GLYCEROL
5 water water
#
loop_
_entity_poly.entity_id
_entity_poly.type
_entity_poly.pdbx_seq_one_letter_code
_entity_poly.pdbx_strand_id
1 'polypeptide(L)'
;QVQLVESGGGVVQPGRSLRLSCAASGFTFSNSGMHWVRQVPGKGLEWVAIIWYDGSNKYYADSVKGRFSVSRDNSENTLY
LQMSNLRAEDTAVYYCVRAYFDSENLYDKYGMDVWGQGTTVTVSSASTKGPSVFPLAPSSKSTSGGTAALGCLVKDYFPE
PVTVSWNSGALTSGVHTFPAVLQSSGLYSLSSVVTVPSSSLGTQTYICNVNHKPSNTKVDKKVEPKSC
;
H
2 'polypeptide(L)'
;DIQMTQSPSTLSASVGDRVTITCRASQSISRWLAWFQKKPGKAPKLLIYTASNLESGVPSRFSGSGSGTEFTLTISSLQP
DDFATYYCQQYYNYWTFGQGTKVEVKRTVAAPSVFIFPPSDEQLKSGTASVVCLLNNFYPREAKVQWKVDNALQSGNSQE
SVTEQDSKDSTYSLSSTLTLSKADYEKHKVYACEVTHQGLSSPVTKSFNRGEC
;
L
3 'polypeptide(L)' KQPADGNPDPNANPN P
#
loop_
_chem_comp.id
_chem_comp.type
_chem_comp.name
_chem_comp.formula
GOL non-polymer GLYCEROL 'C3 H8 O3'
#
# COMPACT_ATOMS: atom_id res chain seq x y z
N GLN A 1 21.42 -5.31 17.02
CA GLN A 1 20.80 -4.93 15.77
C GLN A 1 20.70 -3.40 15.63
N VAL A 2 21.04 -2.87 14.44
CA VAL A 2 20.73 -1.46 14.15
C VAL A 2 19.22 -1.29 14.15
N GLN A 3 18.72 -0.43 15.03
CA GLN A 3 17.29 -0.23 15.20
C GLN A 3 16.96 1.25 15.12
N LEU A 4 15.92 1.58 14.36
CA LEU A 4 15.40 2.93 14.22
C LEU A 4 13.91 2.87 14.46
N VAL A 5 13.41 3.59 15.47
CA VAL A 5 12.01 3.55 15.84
C VAL A 5 11.44 4.96 15.78
N GLU A 6 10.57 5.21 14.81
CA GLU A 6 9.96 6.52 14.65
C GLU A 6 8.76 6.69 15.58
N SER A 7 8.52 7.93 16.01
CA SER A 7 7.36 8.28 16.80
CA SER A 7 7.32 8.25 16.76
C SER A 7 6.86 9.66 16.39
N GLY A 8 5.64 9.99 16.82
CA GLY A 8 5.07 11.30 16.61
C GLY A 8 4.01 11.38 15.53
N GLY A 9 3.82 10.31 14.78
CA GLY A 9 2.82 10.33 13.72
C GLY A 9 1.42 10.46 14.28
N GLY A 10 0.54 11.03 13.46
CA GLY A 10 -0.85 11.19 13.85
C GLY A 10 -1.55 12.09 12.85
N VAL A 11 -2.72 12.58 13.26
CA VAL A 11 -3.52 13.46 12.43
C VAL A 11 -3.13 14.90 12.72
N VAL A 12 -2.94 15.69 11.67
CA VAL A 12 -2.60 17.11 11.76
C VAL A 12 -3.49 17.89 10.81
N GLN A 13 -4.00 19.03 11.26
CA GLN A 13 -4.82 19.85 10.40
C GLN A 13 -3.95 20.58 9.38
N PRO A 14 -4.47 20.82 8.18
CA PRO A 14 -3.70 21.56 7.17
C PRO A 14 -3.26 22.91 7.70
N GLY A 15 -2.03 23.29 7.37
CA GLY A 15 -1.44 24.53 7.80
C GLY A 15 -0.75 24.47 9.14
N ARG A 16 -0.96 23.41 9.91
CA ARG A 16 -0.40 23.28 11.24
C ARG A 16 0.95 22.59 11.18
N SER A 17 1.55 22.36 12.35
CA SER A 17 2.89 21.82 12.48
C SER A 17 2.87 20.50 13.23
N LEU A 18 3.92 19.70 13.04
CA LEU A 18 4.07 18.41 13.70
C LEU A 18 5.56 18.05 13.75
N ARG A 19 6.01 17.52 14.88
CA ARG A 19 7.40 17.07 15.03
C ARG A 19 7.44 15.55 15.12
N LEU A 20 8.23 14.93 14.25
CA LEU A 20 8.51 13.50 14.32
C LEU A 20 9.85 13.29 15.00
N SER A 21 9.99 12.13 15.65
CA SER A 21 11.26 11.75 16.24
CA SER A 21 11.25 11.74 16.28
C SER A 21 11.59 10.32 15.85
N CYS A 22 12.86 9.96 16.03
CA CYS A 22 13.35 8.64 15.68
C CYS A 22 14.38 8.27 16.72
N ALA A 23 14.15 7.18 17.45
CA ALA A 23 15.06 6.72 18.49
C ALA A 23 15.96 5.65 17.88
N ALA A 24 17.27 5.85 17.95
CA ALA A 24 18.25 4.94 17.38
C ALA A 24 18.92 4.10 18.47
N SER A 25 19.21 2.84 18.14
CA SER A 25 19.98 1.99 19.04
C SER A 25 20.74 0.96 18.22
N GLY A 26 21.73 0.33 18.86
CA GLY A 26 22.50 -0.71 18.21
C GLY A 26 23.65 -0.25 17.35
N PHE A 27 23.98 1.03 17.39
CA PHE A 27 25.12 1.59 16.67
C PHE A 27 25.43 2.93 17.32
N THR A 28 26.60 3.48 16.97
CA THR A 28 27.01 4.77 17.53
C THR A 28 26.33 5.87 16.72
N PHE A 29 25.17 6.31 17.22
CA PHE A 29 24.34 7.28 16.51
C PHE A 29 25.13 8.54 16.16
N SER A 30 25.98 9.00 17.08
CA SER A 30 26.67 10.27 16.86
C SER A 30 27.68 10.20 15.72
N ASN A 31 27.97 9.01 15.19
CA ASN A 31 28.91 8.88 14.09
C ASN A 31 28.22 8.71 12.72
N SER A 32 26.89 8.73 12.66
CA SER A 32 26.19 8.45 11.41
C SER A 32 25.37 9.64 10.91
N GLY A 33 25.51 9.97 9.62
CA GLY A 33 24.51 10.80 8.98
C GLY A 33 23.17 10.11 8.95
N MET A 34 22.09 10.91 8.86
CA MET A 34 20.74 10.33 8.95
C MET A 34 19.82 11.02 7.96
N HIS A 35 18.85 10.26 7.46
CA HIS A 35 17.87 10.74 6.49
C HIS A 35 16.45 10.57 7.00
N TRP A 36 15.55 11.38 6.44
CA TRP A 36 14.12 11.10 6.42
C TRP A 36 13.70 10.84 4.98
N VAL A 37 12.87 9.82 4.78
CA VAL A 37 12.28 9.47 3.50
C VAL A 37 10.80 9.20 3.73
N ARG A 38 9.95 9.54 2.76
CA ARG A 38 8.53 9.30 2.95
C ARG A 38 7.92 8.57 1.75
N GLN A 39 6.75 7.99 1.98
CA GLN A 39 5.94 7.48 0.87
C GLN A 39 4.49 7.92 1.06
N VAL A 40 4.04 8.81 0.18
CA VAL A 40 2.68 9.34 0.15
C VAL A 40 1.81 8.28 -0.50
N PRO A 41 0.60 8.02 0.01
CA PRO A 41 -0.27 7.02 -0.63
C PRO A 41 -0.43 7.28 -2.11
N GLY A 42 -0.19 6.25 -2.91
CA GLY A 42 -0.31 6.36 -4.35
C GLY A 42 0.90 6.94 -5.05
N LYS A 43 1.92 7.35 -4.32
CA LYS A 43 3.16 7.86 -4.91
C LYS A 43 4.31 6.92 -4.58
N GLY A 44 5.48 7.21 -5.15
CA GLY A 44 6.67 6.43 -4.89
C GLY A 44 7.41 6.94 -3.66
N LEU A 45 8.55 6.31 -3.40
CA LEU A 45 9.39 6.74 -2.29
C LEU A 45 10.04 8.08 -2.61
N GLU A 46 10.12 8.97 -1.61
CA GLU A 46 10.58 10.33 -1.84
C GLU A 46 11.51 10.74 -0.70
N TRP A 47 12.77 11.01 -1.04
CA TRP A 47 13.70 11.53 -0.04
C TRP A 47 13.24 12.91 0.45
N VAL A 48 13.43 13.16 1.75
CA VAL A 48 12.93 14.36 2.41
C VAL A 48 14.07 15.24 2.92
N ALA A 49 15.02 14.66 3.66
CA ALA A 49 16.07 15.47 4.25
C ALA A 49 17.23 14.59 4.70
N ILE A 50 18.43 15.19 4.77
CA ILE A 50 19.61 14.56 5.35
C ILE A 50 20.21 15.50 6.37
N ILE A 51 20.81 14.93 7.41
CA ILE A 51 21.58 15.71 8.38
C ILE A 51 22.91 15.00 8.67
N TRP A 52 24.00 15.76 8.67
CA TRP A 52 25.32 15.24 8.98
C TRP A 52 25.39 14.68 10.40
N TYR A 53 26.41 13.85 10.64
CA TYR A 53 26.55 13.17 11.93
C TYR A 53 26.54 14.16 13.09
N ASP A 54 27.14 15.33 12.88
CA ASP A 54 27.27 16.31 13.96
C ASP A 54 26.22 17.40 13.87
N GLY A 55 25.29 17.29 12.93
CA GLY A 55 24.26 18.29 12.77
C GLY A 55 24.68 19.52 12.02
N SER A 56 25.90 19.56 11.47
CA SER A 56 26.33 20.75 10.75
C SER A 56 25.51 20.89 9.46
N ASN A 57 25.81 20.10 8.46
CA ASN A 57 25.18 20.25 7.16
C ASN A 57 23.81 19.60 7.15
N LYS A 58 22.86 20.28 6.48
CA LYS A 58 21.50 19.81 6.33
CA LYS A 58 21.49 19.81 6.32
C LYS A 58 21.03 20.13 4.91
N TYR A 59 20.37 19.16 4.26
CA TYR A 59 19.81 19.40 2.93
C TYR A 59 18.39 18.85 2.87
N TYR A 60 17.57 19.44 1.98
CA TYR A 60 16.13 19.15 1.91
C TYR A 60 15.66 18.99 0.48
N ALA A 61 14.63 18.16 0.30
CA ALA A 61 13.96 18.08 -0.99
C ALA A 61 13.27 19.40 -1.31
N ASP A 62 13.24 19.75 -2.61
CA ASP A 62 12.53 20.96 -3.03
C ASP A 62 11.10 21.02 -2.52
N SER A 63 10.42 19.88 -2.41
CA SER A 63 9.02 19.87 -2.04
C SER A 63 8.77 20.25 -0.58
N VAL A 64 9.81 20.25 0.25
CA VAL A 64 9.67 20.60 1.68
C VAL A 64 10.53 21.77 2.08
N LYS A 65 11.36 22.30 1.18
CA LYS A 65 12.25 23.41 1.54
C LYS A 65 11.44 24.61 2.00
N GLY A 66 11.91 25.23 3.09
CA GLY A 66 11.20 26.33 3.72
C GLY A 66 10.07 25.93 4.65
N ARG A 67 9.73 24.66 4.74
CA ARG A 67 8.63 24.19 5.57
C ARG A 67 9.10 23.18 6.61
N PHE A 68 10.07 22.33 6.27
CA PHE A 68 10.57 21.28 7.15
C PHE A 68 11.97 21.63 7.64
N SER A 69 12.28 21.21 8.87
CA SER A 69 13.61 21.39 9.44
C SER A 69 14.03 20.08 10.09
N VAL A 70 15.27 19.63 9.85
CA VAL A 70 15.78 18.40 10.46
C VAL A 70 16.79 18.78 11.54
N SER A 71 16.79 18.03 12.64
CA SER A 71 17.76 18.25 13.72
C SER A 71 18.00 16.93 14.42
N ARG A 72 18.97 16.93 15.33
CA ARG A 72 19.28 15.71 16.07
C ARG A 72 19.82 16.08 17.44
N ASP A 73 19.58 15.20 18.40
CA ASP A 73 20.15 15.31 19.73
C ASP A 73 21.01 14.07 19.93
N ASN A 74 22.32 14.18 19.66
CA ASN A 74 23.17 13.01 19.74
C ASN A 74 23.27 12.46 21.16
N SER A 75 23.10 13.32 22.16
CA SER A 75 23.22 12.86 23.54
C SER A 75 22.06 11.96 23.94
N GLU A 76 20.96 11.98 23.18
CA GLU A 76 19.80 11.15 23.43
C GLU A 76 19.50 10.20 22.28
N ASN A 77 20.43 10.04 21.33
CA ASN A 77 20.26 9.10 20.22
C ASN A 77 18.98 9.34 19.46
N THR A 78 18.62 10.60 19.25
CA THR A 78 17.32 10.92 18.65
C THR A 78 17.48 11.85 17.45
N LEU A 79 16.73 11.56 16.40
CA LEU A 79 16.62 12.35 15.19
C LEU A 79 15.25 13.01 15.16
N TYR A 80 15.17 14.27 14.72
CA TYR A 80 13.88 14.96 14.66
C TYR A 80 13.59 15.47 13.25
N LEU A 81 12.31 15.61 12.95
CA LEU A 81 11.85 16.30 11.74
C LEU A 81 10.71 17.22 12.15
N GLN A 82 10.96 18.52 12.08
CA GLN A 82 9.94 19.52 12.39
C GLN A 82 9.25 19.90 11.08
N MET A 83 7.95 19.62 11.01
CA MET A 83 7.17 19.91 9.81
C MET A 83 6.25 21.09 10.11
N SER A 84 6.15 22.01 9.15
CA SER A 84 5.28 23.16 9.32
C SER A 84 4.52 23.41 8.03
N ASN A 85 3.46 24.21 8.14
CA ASN A 85 2.57 24.53 7.01
C ASN A 85 2.22 23.26 6.22
N LEU A 86 1.71 22.26 6.94
CA LEU A 86 1.47 20.95 6.34
C LEU A 86 0.26 21.00 5.42
N ARG A 87 0.30 20.17 4.39
CA ARG A 87 -0.78 20.12 3.41
C ARG A 87 -1.12 18.66 3.15
N ALA A 88 -2.26 18.46 2.49
CA ALA A 88 -2.75 17.10 2.25
C ALA A 88 -1.71 16.24 1.56
N GLU A 89 -0.93 16.84 0.66
CA GLU A 89 0.09 16.10 -0.09
C GLU A 89 1.24 15.62 0.78
N ASP A 90 1.35 16.07 2.03
CA ASP A 90 2.37 15.58 2.95
C ASP A 90 1.91 14.36 3.73
N THR A 91 0.65 13.93 3.54
CA THR A 91 0.20 12.67 4.13
C THR A 91 1.06 11.55 3.60
N ALA A 92 1.67 10.78 4.51
CA ALA A 92 2.67 9.79 4.09
C ALA A 92 3.07 8.95 5.28
N VAL A 93 3.68 7.81 4.98
CA VAL A 93 4.51 7.13 5.96
C VAL A 93 5.88 7.77 5.92
N TYR A 94 6.39 8.21 7.09
CA TYR A 94 7.71 8.83 7.22
C TYR A 94 8.68 7.83 7.83
N TYR A 95 9.78 7.58 7.12
CA TYR A 95 10.81 6.65 7.55
C TYR A 95 12.07 7.39 7.97
N CYS A 96 12.65 6.97 9.09
CA CYS A 96 14.00 7.34 9.50
CA CYS A 96 14.00 7.40 9.40
C CYS A 96 14.96 6.34 8.86
N VAL A 97 16.03 6.83 8.22
CA VAL A 97 16.91 5.96 7.46
C VAL A 97 18.36 6.38 7.72
N ARG A 98 19.21 5.42 8.05
CA ARG A 98 20.61 5.72 8.33
C ARG A 98 21.38 5.90 7.03
N ALA A 99 22.23 6.92 6.98
CA ALA A 99 23.14 7.03 5.85
C ALA A 99 24.05 5.80 5.85
N TYR A 100 24.49 5.39 4.66
CA TYR A 100 25.34 4.21 4.56
C TYR A 100 26.58 4.36 5.43
N PHE A 101 26.83 3.36 6.28
CA PHE A 101 27.97 3.41 7.20
C PHE A 101 29.13 2.59 6.65
N ASP A 102 30.24 3.26 6.38
CA ASP A 102 31.44 2.60 5.85
C ASP A 102 32.61 2.97 6.74
N SER A 103 33.02 2.07 7.62
CA SER A 103 34.13 2.42 8.52
C SER A 103 35.45 2.61 7.78
N GLU A 104 35.57 2.11 6.54
CA GLU A 104 36.78 2.22 5.74
C GLU A 104 36.79 3.42 4.78
N ASN A 105 35.68 4.16 4.69
CA ASN A 105 35.61 5.36 3.86
C ASN A 105 36.07 5.09 2.43
N LEU A 106 35.50 4.05 1.81
CA LEU A 106 36.01 3.58 0.53
C LEU A 106 35.56 4.43 -0.67
N TYR A 107 34.36 5.00 -0.63
CA TYR A 107 33.73 5.50 -1.85
C TYR A 107 33.43 7.00 -1.79
N ASP A 108 33.25 7.57 -2.98
CA ASP A 108 33.15 9.02 -3.16
C ASP A 108 31.75 9.56 -2.86
N LYS A 109 30.71 8.72 -2.94
CA LYS A 109 29.31 9.15 -2.78
C LYS A 109 28.62 8.22 -1.80
N TYR A 110 27.57 8.73 -1.15
CA TYR A 110 26.91 8.01 -0.06
C TYR A 110 25.42 7.88 -0.28
N GLY A 111 24.91 6.67 -0.07
CA GLY A 111 23.48 6.41 -0.03
C GLY A 111 23.01 6.09 1.38
N MET A 112 22.15 5.08 1.50
CA MET A 112 21.44 4.73 2.73
C MET A 112 21.55 3.24 2.96
N ASP A 113 21.52 2.81 4.24
CA ASP A 113 21.47 1.36 4.49
C ASP A 113 20.22 0.97 5.27
N VAL A 114 20.11 1.27 6.56
CA VAL A 114 19.06 0.67 7.40
C VAL A 114 17.88 1.63 7.53
N TRP A 115 16.67 1.10 7.33
CA TRP A 115 15.42 1.85 7.45
C TRP A 115 14.64 1.45 8.70
N GLY A 116 14.01 2.43 9.34
CA GLY A 116 12.98 2.13 10.32
C GLY A 116 11.69 1.68 9.64
N GLN A 117 10.72 1.26 10.46
CA GLN A 117 9.47 0.75 9.93
C GLN A 117 8.48 1.86 9.62
N GLY A 118 8.73 3.08 10.07
CA GLY A 118 7.95 4.24 9.65
C GLY A 118 6.89 4.62 10.67
N THR A 119 6.45 5.88 10.58
CA THR A 119 5.32 6.40 11.33
C THR A 119 4.42 7.13 10.35
N THR A 120 3.11 7.06 10.55
CA THR A 120 2.16 7.61 9.59
C THR A 120 1.68 8.99 10.01
N VAL A 121 1.74 9.96 9.09
CA VAL A 121 1.22 11.31 9.28
C VAL A 121 0.05 11.51 8.32
N THR A 122 -1.10 11.90 8.87
CA THR A 122 -2.30 12.16 8.08
C THR A 122 -2.67 13.63 8.22
N VAL A 123 -2.61 14.38 7.11
CA VAL A 123 -2.91 15.80 7.11
C VAL A 123 -4.34 15.95 6.60
N SER A 124 -5.23 16.40 7.47
CA SER A 124 -6.66 16.40 7.14
C SER A 124 -7.41 17.30 8.09
N SER A 125 -8.50 17.88 7.59
CA SER A 125 -9.43 18.66 8.40
C SER A 125 -10.56 17.81 8.99
N ALA A 126 -10.59 16.51 8.69
CA ALA A 126 -11.68 15.68 9.17
C ALA A 126 -11.57 15.45 10.68
N SER A 127 -12.71 15.22 11.32
CA SER A 127 -12.80 14.93 12.74
C SER A 127 -12.94 13.43 12.95
N THR A 128 -12.47 12.95 14.11
CA THR A 128 -12.62 11.54 14.48
C THR A 128 -14.09 11.14 14.38
N LYS A 129 -14.35 10.05 13.67
CA LYS A 129 -15.72 9.60 13.46
C LYS A 129 -15.73 8.08 13.31
N GLY A 130 -16.62 7.40 14.04
CA GLY A 130 -16.72 5.97 13.94
C GLY A 130 -17.52 5.56 12.71
N PRO A 131 -17.30 4.34 12.22
CA PRO A 131 -17.96 3.91 10.98
C PRO A 131 -19.41 3.53 11.17
N SER A 132 -20.17 3.68 10.09
CA SER A 132 -21.41 2.95 9.90
C SER A 132 -21.08 1.62 9.24
N VAL A 133 -21.77 0.56 9.66
CA VAL A 133 -21.49 -0.78 9.15
C VAL A 133 -22.74 -1.31 8.48
N PHE A 134 -22.66 -1.54 7.18
CA PHE A 134 -23.84 -2.00 6.46
C PHE A 134 -23.63 -3.42 5.95
N PRO A 135 -24.67 -4.23 5.91
CA PRO A 135 -24.51 -5.60 5.39
C PRO A 135 -24.33 -5.61 3.88
N LEU A 136 -23.47 -6.50 3.42
CA LEU A 136 -23.42 -6.94 2.03
C LEU A 136 -24.08 -8.31 2.02
N ALA A 137 -25.39 -8.32 1.73
CA ALA A 137 -26.24 -9.49 2.02
C ALA A 137 -26.14 -10.52 0.91
N PRO A 138 -25.98 -11.80 1.25
CA PRO A 138 -25.92 -12.82 0.20
C PRO A 138 -27.27 -13.02 -0.45
N SER A 139 -27.24 -13.29 -1.75
CA SER A 139 -28.45 -13.54 -2.53
C SER A 139 -28.09 -14.51 -3.64
N SER A 140 -29.02 -14.71 -4.58
CA SER A 140 -28.65 -15.47 -5.77
C SER A 140 -27.64 -14.72 -6.63
N LYS A 141 -27.56 -13.40 -6.48
CA LYS A 141 -26.66 -12.58 -7.29
C LYS A 141 -25.28 -12.40 -6.63
N SER A 144 -23.02 -18.28 -6.68
CA SER A 144 -22.11 -18.96 -7.59
C SER A 144 -22.07 -20.46 -7.29
N GLY A 145 -23.17 -21.14 -7.64
CA GLY A 145 -23.30 -22.56 -7.38
C GLY A 145 -23.26 -22.90 -5.90
N GLY A 146 -22.27 -23.70 -5.50
CA GLY A 146 -22.15 -24.07 -4.11
C GLY A 146 -21.55 -23.05 -3.19
N THR A 147 -21.11 -21.90 -3.71
CA THR A 147 -20.43 -20.89 -2.92
C THR A 147 -21.18 -19.57 -2.98
N ALA A 148 -21.35 -18.94 -1.83
CA ALA A 148 -21.99 -17.64 -1.72
C ALA A 148 -20.99 -16.65 -1.13
N ALA A 149 -21.17 -15.38 -1.43
CA ALA A 149 -20.37 -14.34 -0.82
C ALA A 149 -21.27 -13.43 0.00
N LEU A 150 -20.74 -12.97 1.14
CA LEU A 150 -21.41 -11.96 1.95
C LEU A 150 -20.31 -11.08 2.56
N GLY A 151 -20.73 -9.97 3.15
CA GLY A 151 -19.72 -9.13 3.77
C GLY A 151 -20.33 -7.99 4.53
N CYS A 152 -19.48 -7.04 4.92
CA CYS A 152 -19.90 -5.80 5.57
CA CYS A 152 -20.01 -5.80 5.45
C CYS A 152 -19.19 -4.63 4.95
N LEU A 153 -19.91 -3.54 4.73
CA LEU A 153 -19.37 -2.28 4.22
C LEU A 153 -19.15 -1.37 5.42
N VAL A 154 -17.91 -0.96 5.61
CA VAL A 154 -17.52 -0.16 6.77
C VAL A 154 -17.24 1.24 6.26
N LYS A 155 -18.21 2.14 6.44
CA LYS A 155 -18.24 3.39 5.69
C LYS A 155 -18.15 4.61 6.61
N ASP A 156 -17.43 5.63 6.12
CA ASP A 156 -17.43 6.97 6.68
C ASP A 156 -16.82 7.02 8.07
N TYR A 157 -15.57 6.57 8.19
CA TYR A 157 -14.84 6.68 9.45
C TYR A 157 -13.55 7.47 9.26
N PHE A 158 -13.02 7.94 10.39
CA PHE A 158 -11.78 8.71 10.35
C PHE A 158 -11.19 8.69 11.76
N PRO A 159 -9.87 8.53 11.90
CA PRO A 159 -8.86 8.23 10.89
C PRO A 159 -8.77 6.73 10.68
N GLU A 160 -7.85 6.27 9.84
CA GLU A 160 -7.53 4.86 9.83
C GLU A 160 -6.86 4.47 11.15
N PRO A 161 -6.86 3.18 11.50
CA PRO A 161 -7.44 2.03 10.80
C PRO A 161 -8.70 1.51 11.45
N VAL A 162 -9.37 0.59 10.77
CA VAL A 162 -10.37 -0.28 11.39
C VAL A 162 -9.87 -1.69 11.24
N THR A 163 -10.29 -2.57 12.14
CA THR A 163 -10.07 -3.99 11.99
C THR A 163 -11.42 -4.67 11.88
N VAL A 164 -11.46 -5.77 11.13
CA VAL A 164 -12.68 -6.55 10.95
C VAL A 164 -12.34 -8.01 11.20
N SER A 165 -13.16 -8.67 12.00
CA SER A 165 -13.10 -10.11 12.16
C SER A 165 -14.48 -10.66 11.88
N TRP A 166 -14.57 -11.97 11.69
CA TRP A 166 -15.85 -12.63 11.43
C TRP A 166 -16.10 -13.68 12.50
N ASN A 167 -17.30 -13.65 13.08
CA ASN A 167 -17.71 -14.62 14.11
C ASN A 167 -16.69 -14.68 15.26
N SER A 168 -16.23 -13.51 15.70
CA SER A 168 -15.30 -13.39 16.81
C SER A 168 -14.03 -14.22 16.61
N GLY A 169 -13.58 -14.28 15.37
CA GLY A 169 -12.37 -14.99 15.02
C GLY A 169 -12.56 -16.44 14.63
N ALA A 170 -13.78 -16.96 14.68
CA ALA A 170 -14.00 -18.36 14.32
C ALA A 170 -14.05 -18.55 12.82
N LEU A 171 -14.22 -17.48 12.06
CA LEU A 171 -14.31 -17.55 10.60
C LEU A 171 -13.13 -16.77 10.03
N THR A 172 -12.16 -17.48 9.48
CA THR A 172 -11.00 -16.81 8.91
C THR A 172 -10.78 -17.26 7.46
N SER A 173 -11.11 -18.52 7.16
CA SER A 173 -10.94 -19.03 5.81
CA SER A 173 -10.94 -19.03 5.81
C SER A 173 -11.85 -18.28 4.85
N GLY A 174 -11.31 -17.89 3.70
CA GLY A 174 -12.11 -17.24 2.68
C GLY A 174 -12.42 -15.77 2.92
N VAL A 175 -11.86 -15.17 3.98
CA VAL A 175 -12.11 -13.76 4.28
C VAL A 175 -11.15 -12.90 3.48
N HIS A 176 -11.69 -11.84 2.86
CA HIS A 176 -10.88 -10.77 2.27
C HIS A 176 -11.31 -9.44 2.85
N THR A 177 -10.40 -8.78 3.56
CA THR A 177 -10.66 -7.43 4.06
C THR A 177 -9.82 -6.48 3.23
N PHE A 178 -10.47 -5.59 2.55
CA PHE A 178 -9.85 -4.78 1.50
C PHE A 178 -9.19 -3.53 2.08
N PRO A 179 -8.15 -3.03 1.41
CA PRO A 179 -7.61 -1.72 1.80
C PRO A 179 -8.69 -0.66 1.73
N ALA A 180 -8.65 0.26 2.68
CA ALA A 180 -9.62 1.34 2.67
C ALA A 180 -9.34 2.32 1.53
N VAL A 181 -10.38 3.01 1.11
CA VAL A 181 -10.23 4.10 0.17
C VAL A 181 -10.64 5.39 0.86
N LEU A 182 -10.02 6.49 0.43
CA LEU A 182 -10.34 7.80 0.95
C LEU A 182 -11.40 8.43 0.05
N GLN A 183 -12.59 8.69 0.60
CA GLN A 183 -13.66 9.29 -0.17
C GLN A 183 -13.45 10.81 -0.29
N SER A 184 -14.20 11.42 -1.22
CA SER A 184 -14.09 12.86 -1.43
C SER A 184 -14.53 13.67 -0.22
N SER A 185 -15.33 13.06 0.67
CA SER A 185 -15.72 13.68 1.94
C SER A 185 -14.57 13.81 2.93
N GLY A 186 -13.44 13.13 2.69
CA GLY A 186 -12.38 13.07 3.67
C GLY A 186 -12.50 11.90 4.63
N LEU A 187 -13.54 11.09 4.51
CA LEU A 187 -13.72 9.91 5.35
C LEU A 187 -13.34 8.67 4.57
N TYR A 188 -12.98 7.62 5.31
CA TYR A 188 -12.56 6.36 4.73
C TYR A 188 -13.71 5.37 4.62
N SER A 189 -13.57 4.42 3.70
CA SER A 189 -14.54 3.35 3.53
C SER A 189 -13.81 2.08 3.14
N LEU A 190 -14.23 0.94 3.70
CA LEU A 190 -13.68 -0.34 3.24
C LEU A 190 -14.74 -1.42 3.31
N SER A 191 -14.51 -2.52 2.61
CA SER A 191 -15.37 -3.69 2.67
CA SER A 191 -15.37 -3.68 2.68
C SER A 191 -14.59 -4.89 3.19
N SER A 192 -15.28 -5.78 3.90
CA SER A 192 -14.74 -7.07 4.27
C SER A 192 -15.73 -8.12 3.78
N VAL A 193 -15.25 -9.11 3.03
CA VAL A 193 -16.13 -10.13 2.49
C VAL A 193 -15.64 -11.51 2.89
N VAL A 194 -16.53 -12.49 2.80
CA VAL A 194 -16.17 -13.89 3.02
C VAL A 194 -17.00 -14.74 2.07
N THR A 195 -16.38 -15.76 1.49
CA THR A 195 -17.13 -16.75 0.74
C THR A 195 -17.42 -17.95 1.62
N VAL A 196 -18.64 -18.48 1.53
CA VAL A 196 -19.12 -19.55 2.41
C VAL A 196 -19.95 -20.51 1.59
N PRO A 197 -20.21 -21.70 2.14
CA PRO A 197 -21.11 -22.63 1.44
C PRO A 197 -22.50 -22.01 1.32
N SER A 198 -23.08 -22.06 0.11
CA SER A 198 -24.41 -21.50 -0.08
CA SER A 198 -24.40 -21.47 -0.05
C SER A 198 -25.45 -22.25 0.73
N SER A 199 -25.25 -23.55 0.96
CA SER A 199 -26.17 -24.33 1.75
C SER A 199 -26.25 -23.85 3.20
N SER A 200 -25.24 -23.13 3.67
CA SER A 200 -25.18 -22.68 5.07
C SER A 200 -25.95 -21.39 5.32
N LEU A 201 -26.45 -20.74 4.26
CA LEU A 201 -27.00 -19.39 4.43
C LEU A 201 -28.24 -19.38 5.31
N GLY A 202 -29.03 -20.46 5.31
CA GLY A 202 -30.22 -20.47 6.14
C GLY A 202 -29.96 -20.73 7.61
N THR A 203 -28.82 -21.31 7.95
CA THR A 203 -28.65 -21.93 9.26
C THR A 203 -27.46 -21.39 10.05
N GLN A 204 -26.37 -21.04 9.36
CA GLN A 204 -25.17 -20.57 10.03
C GLN A 204 -25.21 -19.05 10.18
N THR A 205 -25.01 -18.57 11.41
CA THR A 205 -24.96 -17.14 11.66
C THR A 205 -23.60 -16.57 11.28
N TYR A 206 -23.62 -15.45 10.55
CA TYR A 206 -22.41 -14.75 10.13
C TYR A 206 -22.46 -13.32 10.67
N ILE A 207 -21.48 -12.98 11.52
CA ILE A 207 -21.42 -11.68 12.18
C ILE A 207 -20.09 -11.06 11.87
N CYS A 208 -20.09 -9.83 11.39
CA CYS A 208 -18.82 -9.14 11.26
C CYS A 208 -18.60 -8.23 12.48
N ASN A 209 -17.37 -8.28 13.01
CA ASN A 209 -16.97 -7.56 14.21
C ASN A 209 -16.01 -6.44 13.79
N VAL A 210 -16.45 -5.21 13.92
CA VAL A 210 -15.73 -4.03 13.45
C VAL A 210 -15.21 -3.25 14.65
N ASN A 211 -13.91 -2.97 14.66
CA ASN A 211 -13.29 -2.23 15.76
C ASN A 211 -12.64 -0.98 15.19
N HIS A 212 -13.02 0.18 15.70
CA HIS A 212 -12.37 1.43 15.29
C HIS A 212 -11.89 2.10 16.57
N LYS A 213 -10.64 1.83 16.93
CA LYS A 213 -10.12 2.32 18.21
C LYS A 213 -10.15 3.84 18.37
N PRO A 214 -9.86 4.66 17.36
CA PRO A 214 -9.81 6.11 17.60
C PRO A 214 -11.12 6.70 18.11
N SER A 215 -12.27 6.11 17.75
CA SER A 215 -13.56 6.57 18.22
C SER A 215 -14.14 5.68 19.31
N ASN A 216 -13.38 4.69 19.79
CA ASN A 216 -13.86 3.75 20.81
C ASN A 216 -15.13 3.05 20.34
N THR A 217 -15.20 2.76 19.05
CA THR A 217 -16.37 2.14 18.43
C THR A 217 -16.15 0.64 18.24
N LYS A 218 -17.10 -0.17 18.68
CA LYS A 218 -17.12 -1.59 18.36
C LYS A 218 -18.53 -1.91 17.89
N VAL A 219 -18.62 -2.54 16.72
CA VAL A 219 -19.90 -2.85 16.09
C VAL A 219 -19.89 -4.31 15.69
N ASP A 220 -20.95 -5.03 16.06
CA ASP A 220 -21.17 -6.39 15.58
C ASP A 220 -22.41 -6.37 14.72
N LYS A 221 -22.29 -6.79 13.46
CA LYS A 221 -23.40 -6.76 12.52
C LYS A 221 -23.67 -8.17 12.01
N LYS A 222 -24.87 -8.68 12.29
CA LYS A 222 -25.27 -9.95 11.69
C LYS A 222 -25.68 -9.71 10.25
N VAL A 223 -25.14 -10.50 9.33
CA VAL A 223 -25.40 -10.36 7.90
C VAL A 223 -26.30 -11.51 7.47
N GLU A 224 -27.50 -11.20 7.00
CA GLU A 224 -28.50 -12.20 6.68
C GLU A 224 -28.88 -12.13 5.20
N PRO A 225 -29.28 -13.26 4.60
CA PRO A 225 -29.69 -13.33 3.18
C PRO A 225 -30.90 -12.46 2.89
N ASP B 1 17.76 16.98 -10.46
CA ASP B 1 16.80 15.88 -10.39
C ASP B 1 17.13 14.82 -11.43
N ILE B 2 17.45 13.62 -10.95
CA ILE B 2 17.71 12.46 -11.79
C ILE B 2 16.53 11.51 -11.68
N GLN B 3 15.95 11.13 -12.83
CA GLN B 3 14.82 10.22 -12.86
C GLN B 3 15.30 8.79 -13.05
N MET B 4 14.79 7.87 -12.23
CA MET B 4 15.11 6.45 -12.32
C MET B 4 13.89 5.70 -12.84
N THR B 5 14.08 4.88 -13.88
CA THR B 5 12.99 4.18 -14.54
C THR B 5 13.27 2.68 -14.50
N GLN B 6 12.38 1.92 -13.87
CA GLN B 6 12.55 0.47 -13.79
C GLN B 6 11.68 -0.25 -14.81
N SER B 7 12.14 -1.43 -15.22
CA SER B 7 11.39 -2.25 -16.15
C SER B 7 11.62 -3.72 -15.80
N PRO B 8 10.59 -4.56 -15.81
CA PRO B 8 9.16 -4.24 -15.99
C PRO B 8 8.56 -3.70 -14.71
N SER B 9 7.31 -3.23 -14.70
CA SER B 9 6.72 -2.80 -13.44
CA SER B 9 6.71 -2.79 -13.45
C SER B 9 6.24 -3.98 -12.61
N THR B 10 5.86 -5.07 -13.25
CA THR B 10 5.52 -6.30 -12.55
CA THR B 10 5.47 -6.31 -12.59
C THR B 10 6.04 -7.48 -13.37
N LEU B 11 6.49 -8.50 -12.67
CA LEU B 11 7.07 -9.69 -13.27
C LEU B 11 6.49 -10.87 -12.52
N SER B 12 5.95 -11.85 -13.24
CA SER B 12 5.45 -13.07 -12.62
CA SER B 12 5.44 -13.07 -12.63
C SER B 12 6.44 -14.19 -12.85
N ALA B 13 6.78 -14.91 -11.79
CA ALA B 13 7.78 -15.96 -11.89
C ALA B 13 7.45 -17.08 -10.93
N SER B 14 8.12 -18.21 -11.14
CA SER B 14 8.03 -19.37 -10.27
C SER B 14 9.35 -19.59 -9.54
N VAL B 15 9.26 -20.27 -8.37
CA VAL B 15 10.44 -20.75 -7.66
C VAL B 15 11.35 -21.50 -8.64
N GLY B 16 12.64 -21.15 -8.63
CA GLY B 16 13.62 -21.74 -9.52
C GLY B 16 13.92 -20.92 -10.76
N ASP B 17 13.08 -19.95 -11.09
CA ASP B 17 13.26 -19.15 -12.29
C ASP B 17 14.44 -18.18 -12.15
N ARG B 18 15.07 -17.87 -13.28
CA ARG B 18 16.04 -16.78 -13.34
C ARG B 18 15.29 -15.50 -13.67
N VAL B 19 15.54 -14.45 -12.88
CA VAL B 19 14.77 -13.21 -12.96
C VAL B 19 15.74 -12.05 -13.15
N THR B 20 15.43 -11.17 -14.11
CA THR B 20 16.24 -9.98 -14.37
C THR B 20 15.34 -8.76 -14.37
N ILE B 21 15.74 -7.74 -13.61
CA ILE B 21 15.05 -6.46 -13.52
C ILE B 21 16.02 -5.39 -13.98
N THR B 22 15.53 -4.41 -14.74
CA THR B 22 16.39 -3.33 -15.22
C THR B 22 16.00 -2.01 -14.59
N CYS B 23 16.99 -1.11 -14.50
CA CYS B 23 16.82 0.23 -13.98
C CYS B 23 17.65 1.16 -14.86
N ARG B 24 17.05 2.26 -15.30
CA ARG B 24 17.73 3.24 -16.15
C ARG B 24 17.72 4.59 -15.46
N ALA B 25 18.88 5.25 -15.46
CA ALA B 25 19.00 6.61 -14.96
C ALA B 25 18.92 7.61 -16.11
N SER B 26 18.33 8.77 -15.84
CA SER B 26 18.14 9.78 -16.88
C SER B 26 19.44 10.46 -17.29
N GLN B 27 20.47 10.41 -16.44
CA GLN B 27 21.81 10.82 -16.82
C GLN B 27 22.78 9.90 -16.09
N SER B 28 24.07 10.00 -16.43
CA SER B 28 25.04 9.08 -15.85
C SER B 28 25.17 9.26 -14.34
N ILE B 29 25.20 8.13 -13.63
CA ILE B 29 25.37 8.11 -12.18
C ILE B 29 26.56 7.24 -11.78
N SER B 30 27.44 6.93 -12.74
CA SER B 30 28.64 6.11 -12.48
C SER B 30 28.18 4.80 -11.84
N ARG B 31 28.70 4.39 -10.68
CA ARG B 31 28.27 3.17 -10.01
C ARG B 31 27.47 3.46 -8.75
N TRP B 32 26.92 4.67 -8.62
CA TRP B 32 26.26 5.08 -7.37
C TRP B 32 24.78 4.69 -7.43
N LEU B 33 24.55 3.38 -7.41
CA LEU B 33 23.22 2.79 -7.56
C LEU B 33 23.06 1.72 -6.52
N ALA B 34 21.94 1.73 -5.81
CA ALA B 34 21.64 0.71 -4.82
C ALA B 34 20.33 0.03 -5.18
N TRP B 35 20.16 -1.21 -4.71
CA TRP B 35 18.91 -1.95 -4.87
C TRP B 35 18.37 -2.31 -3.50
N PHE B 36 17.07 -2.07 -3.30
CA PHE B 36 16.36 -2.41 -2.07
C PHE B 36 15.24 -3.39 -2.34
N GLN B 37 15.01 -4.28 -1.37
CA GLN B 37 13.86 -5.19 -1.36
C GLN B 37 12.81 -4.65 -0.40
N LYS B 38 11.54 -4.66 -0.82
CA LYS B 38 10.49 -4.21 0.09
C LYS B 38 9.27 -5.12 0.02
N LYS B 39 8.83 -5.60 1.17
CA LYS B 39 7.63 -6.40 1.25
C LYS B 39 6.49 -5.60 1.85
N PRO B 40 5.24 -5.99 1.58
CA PRO B 40 4.10 -5.21 2.09
C PRO B 40 4.14 -5.05 3.60
N GLY B 41 3.98 -3.81 4.04
CA GLY B 41 3.96 -3.51 5.45
C GLY B 41 5.31 -3.56 6.14
N LYS B 42 6.40 -3.74 5.39
CA LYS B 42 7.74 -3.85 5.96
C LYS B 42 8.68 -2.81 5.36
N ALA B 43 9.67 -2.39 6.16
CA ALA B 43 10.66 -1.42 5.71
C ALA B 43 11.55 -2.01 4.61
N PRO B 44 12.02 -1.15 3.69
CA PRO B 44 12.99 -1.62 2.68
C PRO B 44 14.23 -2.20 3.34
N LYS B 45 14.88 -3.12 2.63
CA LYS B 45 16.13 -3.73 3.04
C LYS B 45 17.16 -3.59 1.93
N LEU B 46 18.35 -3.09 2.27
CA LEU B 46 19.39 -2.91 1.26
C LEU B 46 19.94 -4.25 0.82
N LEU B 47 19.92 -4.52 -0.50
CA LEU B 47 20.50 -5.74 -1.05
C LEU B 47 21.85 -5.52 -1.74
N ILE B 48 21.94 -4.52 -2.62
CA ILE B 48 23.14 -4.28 -3.41
C ILE B 48 23.49 -2.82 -3.33
N TYR B 49 24.78 -2.53 -3.21
CA TYR B 49 25.28 -1.17 -3.06
C TYR B 49 26.49 -1.02 -3.98
N THR B 50 26.78 0.22 -4.37
CA THR B 50 27.84 0.50 -5.37
C THR B 50 27.62 -0.32 -6.64
N ALA B 51 26.35 -0.45 -7.03
CA ALA B 51 25.86 -1.09 -8.25
C ALA B 51 25.97 -2.61 -8.25
N SER B 52 27.05 -3.16 -7.68
CA SER B 52 27.26 -4.60 -7.85
C SER B 52 27.75 -5.31 -6.59
N ASN B 53 27.83 -4.63 -5.45
CA ASN B 53 28.39 -5.24 -4.24
C ASN B 53 27.26 -5.71 -3.33
N LEU B 54 27.18 -7.02 -3.13
CA LEU B 54 26.16 -7.59 -2.27
C LEU B 54 26.44 -7.27 -0.80
N GLU B 55 25.40 -6.88 -0.08
CA GLU B 55 25.51 -6.82 1.37
C GLU B 55 25.64 -8.23 1.93
N SER B 56 26.31 -8.36 3.08
CA SER B 56 26.77 -9.67 3.54
C SER B 56 25.63 -10.60 3.92
N GLY B 57 24.47 -10.07 4.33
CA GLY B 57 23.35 -10.95 4.64
C GLY B 57 22.61 -11.48 3.44
N VAL B 58 22.93 -10.97 2.25
CA VAL B 58 22.14 -11.27 1.06
C VAL B 58 22.66 -12.55 0.41
N PRO B 59 21.81 -13.51 0.06
CA PRO B 59 22.31 -14.72 -0.58
C PRO B 59 22.82 -14.42 -1.99
N SER B 60 23.87 -15.14 -2.38
CA SER B 60 24.60 -14.87 -3.62
CA SER B 60 24.56 -14.78 -3.61
C SER B 60 23.82 -15.21 -4.88
N ARG B 61 22.58 -15.71 -4.78
CA ARG B 61 21.78 -15.83 -5.99
C ARG B 61 21.43 -14.46 -6.54
N PHE B 62 21.51 -13.41 -5.73
CA PHE B 62 21.38 -12.03 -6.19
C PHE B 62 22.69 -11.51 -6.76
N SER B 63 22.59 -10.73 -7.84
CA SER B 63 23.75 -10.01 -8.34
C SER B 63 23.26 -8.74 -9.01
N GLY B 64 24.13 -7.73 -9.02
CA GLY B 64 23.84 -6.49 -9.72
C GLY B 64 24.96 -6.17 -10.69
N SER B 65 24.60 -5.45 -11.75
CA SER B 65 25.60 -5.07 -12.73
C SER B 65 25.22 -3.72 -13.31
N GLY B 66 26.20 -3.07 -13.93
CA GLY B 66 25.95 -1.81 -14.60
C GLY B 66 26.79 -0.66 -14.11
N SER B 67 26.94 0.33 -14.98
CA SER B 67 27.61 1.58 -14.65
C SER B 67 27.13 2.60 -15.69
N GLY B 68 27.02 3.85 -15.27
CA GLY B 68 26.55 4.88 -16.18
C GLY B 68 25.05 5.08 -16.07
N THR B 69 24.28 4.55 -17.02
CA THR B 69 22.84 4.75 -17.03
C THR B 69 22.02 3.48 -16.99
N GLU B 70 22.59 2.31 -17.26
CA GLU B 70 21.85 1.06 -17.37
C GLU B 70 22.34 0.08 -16.32
N PHE B 71 21.42 -0.41 -15.49
CA PHE B 71 21.73 -1.31 -14.38
C PHE B 71 20.77 -2.48 -14.39
N THR B 72 21.22 -3.62 -13.86
CA THR B 72 20.35 -4.78 -13.76
C THR B 72 20.54 -5.46 -12.43
N LEU B 73 19.44 -5.98 -11.89
CA LEU B 73 19.42 -6.90 -10.76
C LEU B 73 19.02 -8.27 -11.31
N THR B 74 19.80 -9.30 -10.99
CA THR B 74 19.50 -10.66 -11.42
C THR B 74 19.35 -11.56 -10.22
N ILE B 75 18.32 -12.41 -10.22
CA ILE B 75 18.21 -13.52 -9.28
C ILE B 75 18.34 -14.80 -10.07
N SER B 76 19.40 -15.57 -9.78
CA SER B 76 19.71 -16.71 -10.63
C SER B 76 18.70 -17.85 -10.47
N SER B 77 18.14 -18.01 -9.26
CA SER B 77 17.17 -19.08 -8.98
C SER B 77 16.21 -18.59 -7.89
N LEU B 78 15.04 -18.12 -8.30
CA LEU B 78 14.14 -17.45 -7.38
C LEU B 78 13.68 -18.38 -6.25
N GLN B 79 13.66 -17.85 -5.03
CA GLN B 79 13.21 -18.58 -3.85
C GLN B 79 12.01 -17.86 -3.24
N PRO B 80 11.20 -18.56 -2.42
CA PRO B 80 9.99 -17.92 -1.88
C PRO B 80 10.23 -16.62 -1.13
N ASP B 81 11.36 -16.47 -0.44
CA ASP B 81 11.65 -15.21 0.27
C ASP B 81 11.80 -14.04 -0.69
N ASP B 82 12.01 -14.30 -1.97
CA ASP B 82 12.37 -13.27 -2.93
C ASP B 82 11.16 -12.57 -3.56
N PHE B 83 9.95 -13.12 -3.38
CA PHE B 83 8.77 -12.44 -3.90
C PHE B 83 8.55 -11.16 -3.11
N ALA B 84 8.61 -10.03 -3.80
CA ALA B 84 8.69 -8.72 -3.17
C ALA B 84 8.69 -7.66 -4.26
N THR B 85 8.68 -6.39 -3.86
CA THR B 85 8.94 -5.28 -4.77
C THR B 85 10.40 -4.86 -4.60
N TYR B 86 11.07 -4.59 -5.71
CA TYR B 86 12.46 -4.18 -5.73
C TYR B 86 12.56 -2.75 -6.23
N TYR B 87 13.29 -1.91 -5.51
CA TYR B 87 13.48 -0.52 -5.90
C TYR B 87 14.95 -0.26 -6.15
N CYS B 88 15.25 0.43 -7.25
CA CYS B 88 16.60 0.97 -7.38
C CYS B 88 16.64 2.41 -6.82
N GLN B 89 17.85 2.85 -6.47
CA GLN B 89 18.04 4.19 -5.92
C GLN B 89 19.39 4.72 -6.37
N GLN B 90 19.41 5.90 -7.00
CA GLN B 90 20.69 6.54 -7.29
C GLN B 90 21.08 7.42 -6.12
N TYR B 91 22.37 7.47 -5.82
CA TYR B 91 22.89 8.35 -4.79
C TYR B 91 24.08 9.13 -5.31
N TYR B 92 24.05 9.47 -6.59
CA TYR B 92 25.05 10.37 -7.16
C TYR B 92 24.74 11.82 -6.84
N ASN B 93 23.49 12.24 -7.00
CA ASN B 93 23.10 13.63 -6.79
C ASN B 93 21.76 13.64 -6.07
N TYR B 94 21.78 13.95 -4.78
CA TYR B 94 20.64 13.69 -3.90
C TYR B 94 20.30 12.21 -4.02
N TRP B 95 19.04 11.83 -3.78
CA TRP B 95 18.64 10.44 -3.68
C TRP B 95 17.27 10.30 -4.35
N THR B 96 17.19 9.51 -5.41
CA THR B 96 15.89 9.31 -6.06
C THR B 96 15.72 7.82 -6.35
N PHE B 97 14.46 7.38 -6.37
CA PHE B 97 14.11 5.97 -6.44
C PHE B 97 13.38 5.67 -7.75
N GLY B 98 13.59 4.47 -8.27
CA GLY B 98 12.69 3.97 -9.30
C GLY B 98 11.31 3.71 -8.74
N GLN B 99 10.36 3.42 -9.63
CA GLN B 99 8.97 3.22 -9.23
C GLN B 99 8.71 1.84 -8.64
N GLY B 100 9.66 0.94 -8.74
CA GLY B 100 9.56 -0.40 -8.19
C GLY B 100 9.17 -1.42 -9.24
N THR B 101 9.70 -2.63 -9.06
CA THR B 101 9.33 -3.79 -9.87
C THR B 101 8.79 -4.85 -8.92
N LYS B 102 7.52 -5.21 -9.07
CA LYS B 102 6.92 -6.24 -8.23
C LYS B 102 7.21 -7.61 -8.84
N VAL B 103 7.85 -8.49 -8.07
CA VAL B 103 8.05 -9.88 -8.47
C VAL B 103 6.96 -10.70 -7.79
N GLU B 104 5.98 -11.18 -8.55
CA GLU B 104 4.84 -11.90 -8.01
C GLU B 104 4.89 -13.38 -8.41
N VAL B 105 4.06 -14.16 -7.73
CA VAL B 105 4.03 -15.61 -7.93
C VAL B 105 3.21 -15.93 -9.17
N LYS B 106 3.80 -16.68 -10.09
CA LYS B 106 3.06 -17.14 -11.25
C LYS B 106 2.20 -18.35 -10.88
N ARG B 107 0.98 -18.38 -11.40
CA ARG B 107 0.09 -19.52 -11.23
C ARG B 107 -0.80 -19.62 -12.46
N THR B 108 -1.63 -20.66 -12.51
CA THR B 108 -2.52 -20.82 -13.66
C THR B 108 -3.62 -19.75 -13.64
N VAL B 109 -4.18 -19.49 -14.82
CA VAL B 109 -5.24 -18.51 -14.93
C VAL B 109 -6.44 -18.97 -14.11
N ALA B 110 -7.01 -18.05 -13.34
CA ALA B 110 -8.23 -18.30 -12.57
C ALA B 110 -9.21 -17.16 -12.82
N ALA B 111 -10.36 -17.48 -13.40
CA ALA B 111 -11.38 -16.46 -13.61
C ALA B 111 -11.93 -16.01 -12.26
N PRO B 112 -12.29 -14.74 -12.12
CA PRO B 112 -12.93 -14.31 -10.88
C PRO B 112 -14.33 -14.86 -10.78
N SER B 113 -14.74 -15.16 -9.55
CA SER B 113 -16.16 -15.27 -9.26
CA SER B 113 -16.16 -15.27 -9.24
C SER B 113 -16.66 -13.87 -8.95
N VAL B 114 -17.79 -13.50 -9.54
CA VAL B 114 -18.28 -12.13 -9.48
C VAL B 114 -19.57 -12.10 -8.69
N PHE B 115 -19.69 -11.12 -7.78
CA PHE B 115 -20.85 -10.96 -6.93
C PHE B 115 -21.22 -9.48 -6.88
N ILE B 116 -22.52 -9.19 -6.90
CA ILE B 116 -23.00 -7.82 -6.75
C ILE B 116 -23.87 -7.74 -5.49
N PHE B 117 -23.76 -6.63 -4.78
CA PHE B 117 -24.49 -6.41 -3.52
C PHE B 117 -25.28 -5.11 -3.63
N PRO B 118 -26.61 -5.14 -3.52
CA PRO B 118 -27.38 -3.90 -3.53
C PRO B 118 -27.15 -3.12 -2.25
N PRO B 119 -27.47 -1.83 -2.24
CA PRO B 119 -27.38 -1.07 -1.00
C PRO B 119 -28.37 -1.60 0.03
N SER B 120 -27.98 -1.50 1.29
CA SER B 120 -28.82 -1.97 2.37
C SER B 120 -29.92 -0.96 2.68
N ASP B 121 -31.04 -1.46 3.19
CA ASP B 121 -32.12 -0.55 3.58
C ASP B 121 -31.64 0.42 4.64
N GLU B 122 -30.76 -0.04 5.55
CA GLU B 122 -30.22 0.84 6.58
C GLU B 122 -29.52 2.05 5.96
N GLN B 123 -28.66 1.82 4.96
CA GLN B 123 -27.94 2.92 4.35
C GLN B 123 -28.88 3.85 3.58
N LEU B 124 -29.86 3.28 2.87
CA LEU B 124 -30.79 4.12 2.13
C LEU B 124 -31.53 5.09 3.04
N LYS B 125 -31.74 4.72 4.31
CA LYS B 125 -32.39 5.64 5.24
C LYS B 125 -31.57 6.91 5.44
N SER B 126 -30.25 6.83 5.24
CA SER B 126 -29.35 7.95 5.45
C SER B 126 -29.18 8.84 4.22
N GLY B 127 -29.74 8.45 3.07
CA GLY B 127 -29.67 9.27 1.88
C GLY B 127 -28.60 8.91 0.87
N THR B 128 -27.85 7.83 1.09
CA THR B 128 -26.79 7.40 0.19
C THR B 128 -26.99 5.93 -0.16
N ALA B 129 -26.55 5.56 -1.37
CA ALA B 129 -26.61 4.20 -1.86
C ALA B 129 -25.23 3.78 -2.33
N SER B 130 -24.65 2.80 -1.66
CA SER B 130 -23.43 2.17 -2.15
C SER B 130 -23.78 0.81 -2.74
N VAL B 131 -23.34 0.58 -3.98
CA VAL B 131 -23.48 -0.71 -4.64
C VAL B 131 -22.07 -1.31 -4.76
N VAL B 132 -21.90 -2.56 -4.31
CA VAL B 132 -20.58 -3.17 -4.25
C VAL B 132 -20.50 -4.36 -5.22
N CYS B 133 -19.40 -4.43 -5.96
CA CYS B 133 -19.11 -5.54 -6.87
C CYS B 133 -17.81 -6.19 -6.42
N LEU B 134 -17.86 -7.50 -6.18
CA LEU B 134 -16.71 -8.27 -5.70
C LEU B 134 -16.22 -9.19 -6.82
N LEU B 135 -14.92 -9.14 -7.10
CA LEU B 135 -14.24 -10.08 -7.97
C LEU B 135 -13.35 -10.95 -7.10
N ASN B 136 -13.69 -12.23 -6.95
CA ASN B 136 -13.05 -13.05 -5.93
C ASN B 136 -12.06 -14.02 -6.54
N ASN B 137 -10.82 -14.03 -5.99
CA ASN B 137 -9.83 -15.09 -6.21
C ASN B 137 -9.52 -15.30 -7.69
N PHE B 138 -8.93 -14.28 -8.31
CA PHE B 138 -8.61 -14.35 -9.74
C PHE B 138 -7.11 -14.18 -9.98
N TYR B 139 -6.68 -14.62 -11.16
CA TYR B 139 -5.28 -14.49 -11.59
C TYR B 139 -5.25 -14.58 -13.10
N PRO B 140 -4.50 -13.73 -13.80
CA PRO B 140 -3.62 -12.67 -13.28
C PRO B 140 -4.38 -11.44 -12.79
N ARG B 141 -3.61 -10.45 -12.38
CA ARG B 141 -4.15 -9.28 -11.70
C ARG B 141 -4.99 -8.41 -12.63
N GLU B 142 -4.63 -8.35 -13.91
CA GLU B 142 -5.31 -7.47 -14.86
C GLU B 142 -6.80 -7.82 -14.96
N ALA B 143 -7.65 -6.90 -14.53
CA ALA B 143 -9.09 -7.07 -14.62
C ALA B 143 -9.73 -5.71 -14.86
N LYS B 144 -10.82 -5.70 -15.63
CA LYS B 144 -11.55 -4.48 -15.93
C LYS B 144 -12.97 -4.61 -15.38
N VAL B 145 -13.39 -3.61 -14.62
CA VAL B 145 -14.73 -3.56 -14.03
C VAL B 145 -15.41 -2.31 -14.55
N GLN B 146 -16.60 -2.46 -15.10
CA GLN B 146 -17.39 -1.35 -15.60
C GLN B 146 -18.75 -1.37 -14.93
N TRP B 147 -19.17 -0.22 -14.42
CA TRP B 147 -20.50 -0.09 -13.84
C TRP B 147 -21.46 0.44 -14.90
N LYS B 148 -22.65 -0.18 -14.97
CA LYS B 148 -23.67 0.27 -15.92
C LYS B 148 -25.00 0.39 -15.18
N VAL B 149 -25.65 1.53 -15.36
CA VAL B 149 -26.92 1.84 -14.70
C VAL B 149 -27.94 2.11 -15.79
N ASP B 150 -28.92 1.20 -15.91
CA ASP B 150 -29.82 1.15 -17.08
C ASP B 150 -29.02 1.20 -18.38
N ASN B 151 -27.95 0.42 -18.42
CA ASN B 151 -27.00 0.26 -19.54
C ASN B 151 -26.14 1.49 -19.78
N ALA B 152 -26.27 2.55 -18.98
CA ALA B 152 -25.46 3.75 -19.12
C ALA B 152 -24.13 3.55 -18.39
N LEU B 153 -23.03 3.64 -19.13
CA LEU B 153 -21.72 3.44 -18.52
C LEU B 153 -21.41 4.56 -17.53
N GLN B 154 -20.97 4.18 -16.34
CA GLN B 154 -20.70 5.12 -15.27
C GLN B 154 -19.22 5.53 -15.28
N SER B 155 -18.98 6.80 -14.97
CA SER B 155 -17.64 7.36 -14.86
C SER B 155 -17.60 8.30 -13.67
N GLY B 156 -16.53 8.20 -12.88
CA GLY B 156 -16.27 9.17 -11.85
C GLY B 156 -16.93 8.94 -10.52
N ASN B 157 -17.78 7.92 -10.39
CA ASN B 157 -18.53 7.70 -9.16
C ASN B 157 -18.26 6.32 -8.55
N SER B 158 -17.10 5.74 -8.83
CA SER B 158 -16.74 4.47 -8.23
C SER B 158 -15.29 4.49 -7.77
N GLN B 159 -15.00 3.66 -6.77
CA GLN B 159 -13.64 3.49 -6.28
C GLN B 159 -13.39 2.00 -6.10
N GLU B 160 -12.14 1.59 -6.28
CA GLU B 160 -11.72 0.20 -6.27
C GLU B 160 -10.61 0.02 -5.26
N SER B 161 -10.51 -1.20 -4.70
CA SER B 161 -9.25 -1.58 -4.04
C SER B 161 -9.04 -3.07 -4.21
N VAL B 162 -7.77 -3.48 -4.12
CA VAL B 162 -7.36 -4.83 -4.43
CA VAL B 162 -7.34 -4.83 -4.43
C VAL B 162 -6.53 -5.38 -3.28
N THR B 163 -6.68 -6.69 -3.01
CA THR B 163 -5.87 -7.33 -1.99
C THR B 163 -4.47 -7.60 -2.50
N GLU B 164 -3.54 -7.80 -1.56
CA GLU B 164 -2.26 -8.38 -1.92
C GLU B 164 -2.46 -9.81 -2.37
N GLN B 165 -1.50 -10.29 -3.16
CA GLN B 165 -1.56 -11.65 -3.66
C GLN B 165 -1.64 -12.63 -2.49
N ASP B 166 -2.58 -13.57 -2.57
CA ASP B 166 -2.83 -14.47 -1.47
C ASP B 166 -1.65 -15.41 -1.24
N SER B 167 -1.23 -15.55 0.03
CA SER B 167 -0.07 -16.38 0.32
C SER B 167 -0.33 -17.85 0.04
N LYS B 168 -1.59 -18.29 0.09
CA LYS B 168 -1.93 -19.70 -0.08
C LYS B 168 -2.20 -20.07 -1.52
N ASP B 169 -3.00 -19.29 -2.24
CA ASP B 169 -3.41 -19.69 -3.58
C ASP B 169 -2.96 -18.72 -4.66
N SER B 170 -2.19 -17.68 -4.31
CA SER B 170 -1.58 -16.76 -5.28
C SER B 170 -2.58 -16.00 -6.14
N THR B 171 -3.82 -15.84 -5.66
CA THR B 171 -4.81 -15.07 -6.41
C THR B 171 -4.96 -13.67 -5.82
N TYR B 172 -5.72 -12.84 -6.54
CA TYR B 172 -6.09 -11.51 -6.12
C TYR B 172 -7.61 -11.43 -5.95
N SER B 173 -8.05 -10.48 -5.17
CA SER B 173 -9.47 -10.16 -5.10
C SER B 173 -9.64 -8.65 -5.17
N LEU B 174 -10.79 -8.21 -5.67
CA LEU B 174 -11.01 -6.80 -5.93
C LEU B 174 -12.43 -6.44 -5.55
N SER B 175 -12.58 -5.25 -4.99
CA SER B 175 -13.89 -4.73 -4.65
CA SER B 175 -13.87 -4.70 -4.60
C SER B 175 -14.03 -3.36 -5.28
N SER B 176 -15.18 -3.14 -5.92
CA SER B 176 -15.49 -1.85 -6.50
C SER B 176 -16.79 -1.36 -5.89
N THR B 177 -16.84 -0.09 -5.50
CA THR B 177 -18.02 0.50 -4.90
C THR B 177 -18.52 1.64 -5.77
N LEU B 178 -19.79 1.55 -6.19
CA LEU B 178 -20.48 2.62 -6.87
C LEU B 178 -21.30 3.38 -5.83
N THR B 179 -21.09 4.68 -5.72
CA THR B 179 -21.81 5.47 -4.73
C THR B 179 -22.68 6.51 -5.42
N LEU B 180 -23.98 6.47 -5.13
CA LEU B 180 -24.95 7.43 -5.64
C LEU B 180 -25.72 8.03 -4.49
N SER B 181 -26.24 9.24 -4.70
CA SER B 181 -27.23 9.75 -3.78
C SER B 181 -28.48 8.85 -3.82
N LYS B 182 -29.25 8.88 -2.74
CA LYS B 182 -30.51 8.12 -2.74
C LYS B 182 -31.41 8.58 -3.87
N ALA B 183 -31.43 9.89 -4.14
CA ALA B 183 -32.28 10.43 -5.19
C ALA B 183 -31.88 9.91 -6.57
N ASP B 184 -30.58 9.91 -6.86
CA ASP B 184 -30.12 9.36 -8.13
C ASP B 184 -30.37 7.87 -8.21
N TYR B 185 -30.15 7.16 -7.09
CA TYR B 185 -30.35 5.72 -7.07
C TYR B 185 -31.78 5.36 -7.43
N GLU B 186 -32.75 6.13 -6.94
CA GLU B 186 -34.16 5.85 -7.19
C GLU B 186 -34.64 6.28 -8.58
N LYS B 187 -33.78 6.88 -9.40
CA LYS B 187 -34.18 7.24 -10.76
C LYS B 187 -33.98 6.11 -11.75
N HIS B 188 -33.27 5.05 -11.36
CA HIS B 188 -32.89 4.01 -12.31
C HIS B 188 -33.24 2.65 -11.75
N LYS B 189 -33.34 1.67 -12.64
CA LYS B 189 -33.80 0.33 -12.31
C LYS B 189 -32.67 -0.70 -12.29
N VAL B 190 -31.92 -0.84 -13.38
CA VAL B 190 -30.96 -1.94 -13.52
C VAL B 190 -29.58 -1.44 -13.12
N TYR B 191 -28.98 -2.12 -12.14
CA TYR B 191 -27.62 -1.84 -11.68
C TYR B 191 -26.76 -3.06 -12.00
N ALA B 192 -25.66 -2.83 -12.72
CA ALA B 192 -24.89 -3.93 -13.25
C ALA B 192 -23.40 -3.64 -13.15
N CYS B 193 -22.62 -4.67 -12.82
CA CYS B 193 -21.17 -4.65 -12.88
CA CYS B 193 -21.17 -4.59 -12.94
C CYS B 193 -20.73 -5.63 -13.96
N GLU B 194 -19.94 -5.15 -14.93
CA GLU B 194 -19.47 -5.95 -16.05
C GLU B 194 -17.97 -6.17 -15.93
N VAL B 195 -17.55 -7.43 -15.96
CA VAL B 195 -16.17 -7.80 -15.63
C VAL B 195 -15.54 -8.50 -16.84
N THR B 196 -14.34 -8.06 -17.20
CA THR B 196 -13.56 -8.71 -18.25
C THR B 196 -12.23 -9.17 -17.65
N HIS B 197 -11.77 -10.33 -18.10
CA HIS B 197 -10.61 -10.95 -17.49
C HIS B 197 -10.13 -12.08 -18.40
N GLN B 198 -8.82 -12.39 -18.33
CA GLN B 198 -8.26 -13.42 -19.19
C GLN B 198 -8.91 -14.79 -18.97
N GLY B 199 -9.41 -15.06 -17.78
CA GLY B 199 -10.06 -16.34 -17.55
C GLY B 199 -11.50 -16.44 -18.00
N LEU B 200 -12.07 -15.36 -18.53
CA LEU B 200 -13.47 -15.30 -18.92
C LEU B 200 -13.58 -15.29 -20.45
N SER B 201 -14.34 -16.23 -21.00
CA SER B 201 -14.49 -16.31 -22.45
C SER B 201 -15.28 -15.12 -23.02
N SER B 202 -16.10 -14.48 -22.21
CA SER B 202 -16.85 -13.29 -22.59
C SER B 202 -17.12 -12.52 -21.31
N PRO B 203 -17.46 -11.22 -21.41
CA PRO B 203 -17.65 -10.44 -20.18
C PRO B 203 -18.79 -11.00 -19.33
N VAL B 204 -18.57 -10.99 -18.02
CA VAL B 204 -19.56 -11.46 -17.06
C VAL B 204 -20.28 -10.23 -16.49
N THR B 205 -21.61 -10.25 -16.53
CA THR B 205 -22.41 -9.20 -15.93
C THR B 205 -23.23 -9.76 -14.76
N LYS B 206 -23.08 -9.15 -13.60
CA LYS B 206 -23.95 -9.41 -12.46
C LYS B 206 -24.80 -8.16 -12.27
N SER B 207 -26.11 -8.35 -12.09
CA SER B 207 -26.98 -7.19 -11.99
C SER B 207 -28.13 -7.50 -11.05
N PHE B 208 -28.83 -6.43 -10.65
CA PHE B 208 -30.10 -6.53 -9.97
C PHE B 208 -30.97 -5.36 -10.41
N ASN B 209 -32.28 -5.52 -10.23
CA ASN B 209 -33.26 -4.47 -10.44
C ASN B 209 -33.60 -3.85 -9.08
N ARG B 210 -33.42 -2.54 -8.96
CA ARG B 210 -33.77 -1.85 -7.71
C ARG B 210 -35.19 -2.15 -7.30
N GLY B 211 -35.37 -2.56 -6.04
CA GLY B 211 -36.69 -2.88 -5.54
C GLY B 211 -37.16 -4.28 -5.83
N GLU B 212 -36.25 -5.20 -6.14
CA GLU B 212 -36.62 -6.59 -6.36
C GLU B 212 -35.67 -7.53 -5.61
N PRO C 8 29.90 22.03 -1.74
CA PRO C 8 28.61 21.77 -1.10
C PRO C 8 27.92 20.53 -1.67
N ASP C 9 28.50 19.34 -1.40
CA ASP C 9 28.00 18.10 -1.99
C ASP C 9 27.15 17.35 -0.98
N PRO C 10 25.83 17.29 -1.16
CA PRO C 10 24.99 16.55 -0.21
C PRO C 10 25.28 15.06 -0.16
N ASN C 11 25.86 14.49 -1.20
CA ASN C 11 26.18 13.07 -1.25
C ASN C 11 27.59 12.76 -0.75
N ALA C 12 28.31 13.75 -0.24
CA ALA C 12 29.59 13.51 0.40
C ALA C 12 29.40 12.69 1.68
N ASN C 13 30.54 12.20 2.23
CA ASN C 13 30.52 11.39 3.43
C ASN C 13 29.87 12.16 4.60
N PRO C 14 28.70 11.71 5.08
CA PRO C 14 28.01 12.40 6.19
C PRO C 14 28.30 11.82 7.56
N ASN C 15 29.26 10.90 7.66
CA ASN C 15 29.52 10.16 8.90
C ASN C 15 30.70 10.72 9.71
C1 GOL D . 1.31 25.03 14.54
O1 GOL D . 0.74 23.78 14.77
C2 GOL D . 0.24 25.90 13.85
O2 GOL D . -0.74 26.33 14.73
C3 GOL D . 1.02 27.08 13.22
O3 GOL D . 0.18 27.63 12.25
C1 GOL E . -16.39 -21.20 11.10
O1 GOL E . -16.45 -22.24 10.19
C2 GOL E . -17.82 -20.94 11.59
O2 GOL E . -18.73 -20.89 10.54
C3 GOL E . -17.73 -19.57 12.33
O3 GOL E . -18.79 -19.50 13.23
C1 GOL F . -13.82 -0.24 -2.46
O1 GOL F . -14.90 -1.13 -2.50
C2 GOL F . -13.36 -0.11 -0.95
O2 GOL F . -14.27 0.61 -0.16
C3 GOL F . -13.17 -1.55 -0.44
O3 GOL F . -12.38 -1.42 0.73
C1 GOL G . 16.85 18.33 -6.15
O1 GOL G . 17.22 19.65 -6.37
C2 GOL G . 16.82 18.12 -4.60
O2 GOL G . 16.76 19.34 -3.91
C3 GOL G . 15.58 17.24 -4.35
O3 GOL G . 14.47 18.05 -4.56
C1 GOL H . -6.60 -11.89 2.34
O1 GOL H . -7.26 -10.88 1.64
C2 GOL H . -5.38 -12.34 1.47
O2 GOL H . -5.79 -13.00 0.32
C3 GOL H . -4.60 -11.04 1.15
O3 GOL H . -3.33 -11.43 0.68
C1 GOL I . 16.35 -18.82 1.25
O1 GOL I . 15.47 -17.69 1.19
C2 GOL I . 17.66 -18.36 1.93
O2 GOL I . 18.34 -17.45 1.14
C3 GOL I . 18.49 -19.64 2.10
O3 GOL I . 18.71 -20.16 0.80
#